data_2LPW
#
_entry.id   2LPW
#
_entity_poly.entity_id   1
_entity_poly.type   'polydeoxyribonucleotide'
_entity_poly.pdbx_seq_one_letter_code
;(DA)(DA)(DG)(DG)(DG)(DT)(DG)(DG)(DG)(DT)(DG)(DT)(DA)(DA)(DG)(DT)(DG)(DT)(DG)(DG)
(DG)(DT)(DG)(DG)(DG)(DT)
;
_entity_poly.pdbx_strand_id   A
#
loop_
_chem_comp.id
_chem_comp.type
_chem_comp.name
_chem_comp.formula
DA DNA linking 2'-DEOXYADENOSINE-5'-MONOPHOSPHATE 'C10 H14 N5 O6 P'
DG DNA linking 2'-DEOXYGUANOSINE-5'-MONOPHOSPHATE 'C10 H14 N5 O7 P'
DT DNA linking THYMIDINE-5'-MONOPHOSPHATE 'C10 H15 N2 O8 P'
#